data_7L0J
#
_entry.id   7L0J
#
_cell.length_a   66.376
_cell.length_b   66.376
_cell.length_c   125.922
_cell.angle_alpha   90.000
_cell.angle_beta   90.000
_cell.angle_gamma   90.000
#
_symmetry.space_group_name_H-M   'P 41 21 2'
#
loop_
_entity.id
_entity.type
_entity.pdbx_description
1 polymer 'Muellerian-inhibiting factor'
2 polymer 'Anti-Muellerian hormone type-2 receptor'
3 non-polymer 2-acetamido-2-deoxy-beta-D-glucopyranose
4 non-polymer 'SULFATE ION'
#
loop_
_entity_poly.entity_id
_entity_poly.type
_entity_poly.pdbx_seq_one_letter_code
_entity_poly.pdbx_strand_id
1 'polypeptide(L)'
;SAGATAADGPCALRELSVDLRAERSVLIPETYQANNCQGVCGWPQSDRNPRYGNHVVLLLKMQARGAALARPPCCVPTAY
AGKLLISLSEERISAHHVPNMVATECGCR
;
A
2 'polypeptide(L)'
;GPHMPPNRRTCVFFEAPGVRGSTKTLGELLDTGTELPRAIRCLYSRCCFGIWNLTQDRAQVEMQGCRDSDEPGCESLHCD
PSPRAHPSPGSTLFTCSCGTDFCNANYSHLP
;
B
#
# COMPACT_ATOMS: atom_id res chain seq x y z
N ASP A 8 -24.48 9.57 2.74
CA ASP A 8 -24.75 8.41 1.91
C ASP A 8 -24.60 8.78 0.43
N GLY A 9 -25.65 8.54 -0.35
CA GLY A 9 -25.64 8.89 -1.76
C GLY A 9 -25.68 7.68 -2.67
N PRO A 10 -25.39 7.89 -3.95
CA PRO A 10 -25.42 6.77 -4.90
C PRO A 10 -24.23 5.85 -4.72
N CYS A 11 -24.28 4.72 -5.42
CA CYS A 11 -23.19 3.76 -5.38
C CYS A 11 -21.91 4.38 -5.91
N ALA A 12 -20.90 4.46 -5.06
CA ALA A 12 -19.64 5.11 -5.43
C ALA A 12 -18.52 4.55 -4.56
N LEU A 13 -17.30 4.92 -4.92
CA LEU A 13 -16.10 4.47 -4.22
C LEU A 13 -15.82 5.41 -3.05
N ARG A 14 -15.67 4.84 -1.86
CA ARG A 14 -15.42 5.59 -0.64
C ARG A 14 -14.09 5.15 -0.05
N GLU A 15 -13.40 6.09 0.60
CA GLU A 15 -12.14 5.77 1.24
C GLU A 15 -12.37 4.86 2.43
N LEU A 16 -11.43 3.93 2.65
CA LEU A 16 -11.51 3.01 3.77
C LEU A 16 -10.10 2.55 4.10
N SER A 17 -9.65 2.85 5.31
CA SER A 17 -8.33 2.44 5.76
C SER A 17 -8.37 1.01 6.26
N VAL A 18 -7.36 0.23 5.88
CA VAL A 18 -7.20 -1.15 6.32
C VAL A 18 -5.85 -1.27 7.03
N ASP A 19 -5.86 -1.91 8.19
CA ASP A 19 -4.68 -2.06 9.02
C ASP A 19 -4.09 -3.45 8.82
N LEU A 20 -2.82 -3.51 8.43
CA LEU A 20 -2.13 -4.78 8.24
C LEU A 20 -1.21 -5.14 9.38
N ARG A 21 -1.11 -4.30 10.42
CA ARG A 21 -0.36 -4.67 11.61
C ARG A 21 -1.02 -5.84 12.34
N ALA A 22 -2.32 -6.05 12.13
CA ALA A 22 -2.96 -7.25 12.65
C ALA A 22 -2.41 -8.50 11.97
N GLU A 23 -2.19 -8.43 10.66
CA GLU A 23 -1.55 -9.53 9.95
C GLU A 23 -0.13 -9.72 10.47
N ARG A 24 0.22 -10.97 10.77
CA ARG A 24 1.44 -11.25 11.51
C ARG A 24 2.70 -10.89 10.72
N SER A 25 2.78 -11.35 9.47
CA SER A 25 4.03 -11.30 8.73
C SER A 25 4.25 -10.00 7.95
N VAL A 26 3.22 -9.18 7.79
CA VAL A 26 3.34 -8.00 6.94
C VAL A 26 4.20 -6.94 7.62
N LEU A 27 5.25 -6.50 6.93
CA LEU A 27 6.10 -5.42 7.39
C LEU A 27 5.66 -4.07 6.82
N ILE A 28 5.39 -4.03 5.52
CA ILE A 28 4.96 -2.82 4.83
C ILE A 28 3.94 -3.22 3.77
N PRO A 29 2.78 -2.52 3.69
CA PRO A 29 2.44 -1.39 4.55
C PRO A 29 1.92 -1.81 5.92
N GLU A 30 1.73 -0.84 6.81
CA GLU A 30 1.04 -1.11 8.07
C GLU A 30 -0.43 -0.71 8.03
N THR A 31 -0.74 0.47 7.49
CA THR A 31 -2.10 0.85 7.15
C THR A 31 -2.09 1.37 5.72
N TYR A 32 -3.19 1.13 5.00
CA TYR A 32 -3.26 1.59 3.62
C TYR A 32 -4.70 1.79 3.20
N GLN A 33 -4.87 2.55 2.12
CA GLN A 33 -6.19 2.82 1.55
C GLN A 33 -6.61 1.64 0.68
N ALA A 34 -7.55 0.83 1.17
CA ALA A 34 -8.14 -0.24 0.38
C ALA A 34 -9.45 0.17 -0.27
N ASN A 35 -10.10 1.22 0.25
CA ASN A 35 -11.37 1.72 -0.27
C ASN A 35 -12.49 0.70 -0.13
N ASN A 36 -13.70 1.09 -0.49
CA ASN A 36 -14.85 0.20 -0.46
C ASN A 36 -15.99 0.86 -1.22
N CYS A 37 -16.84 0.04 -1.83
CA CYS A 37 -17.98 0.55 -2.57
C CYS A 37 -19.17 0.69 -1.64
N GLN A 38 -19.87 1.82 -1.77
CA GLN A 38 -21.00 2.09 -0.90
C GLN A 38 -21.93 3.08 -1.58
N GLY A 39 -23.22 2.89 -1.39
CA GLY A 39 -24.20 3.81 -1.92
C GLY A 39 -25.47 3.09 -2.29
N VAL A 40 -26.37 3.82 -2.94
CA VAL A 40 -27.67 3.32 -3.35
C VAL A 40 -27.60 2.90 -4.80
N CYS A 41 -28.28 1.80 -5.13
CA CYS A 41 -28.39 1.34 -6.51
C CYS A 41 -29.79 1.72 -7.02
N GLY A 42 -29.93 2.99 -7.36
CA GLY A 42 -31.21 3.50 -7.82
C GLY A 42 -31.53 3.09 -9.24
N TRP A 43 -32.80 3.31 -9.61
CA TRP A 43 -33.27 2.97 -10.95
C TRP A 43 -34.22 4.07 -11.44
N PRO A 44 -33.86 4.78 -12.53
CA PRO A 44 -32.61 4.66 -13.29
C PRO A 44 -31.39 5.13 -12.51
N GLN A 45 -30.21 4.71 -12.93
CA GLN A 45 -29.00 4.99 -12.17
C GLN A 45 -28.61 6.46 -12.29
N SER A 46 -28.05 6.99 -11.21
CA SER A 46 -27.54 8.36 -11.15
C SER A 46 -26.19 8.29 -10.42
N ASP A 47 -25.17 7.84 -11.14
CA ASP A 47 -23.83 7.73 -10.58
C ASP A 47 -22.82 7.76 -11.73
N ARG A 48 -21.61 8.18 -11.40
CA ARG A 48 -20.52 8.28 -12.37
C ARG A 48 -19.80 6.95 -12.59
N ASN A 49 -20.35 5.85 -12.09
CA ASN A 49 -19.84 4.53 -12.39
C ASN A 49 -20.25 4.12 -13.80
N PRO A 50 -19.59 3.11 -14.37
CA PRO A 50 -20.05 2.58 -15.67
C PRO A 50 -21.49 2.13 -15.60
N ARG A 51 -22.11 2.05 -16.78
CA ARG A 51 -23.53 1.74 -16.86
C ARG A 51 -23.79 0.34 -16.30
N TYR A 52 -25.00 0.17 -15.75
CA TYR A 52 -25.38 -1.10 -15.12
C TYR A 52 -25.34 -2.24 -16.13
N GLY A 53 -24.99 -3.43 -15.64
CA GLY A 53 -25.15 -4.62 -16.44
C GLY A 53 -26.62 -4.98 -16.61
N ASN A 54 -26.91 -5.72 -17.68
CA ASN A 54 -28.29 -6.09 -17.96
C ASN A 54 -28.91 -6.91 -16.83
N HIS A 55 -28.10 -7.70 -16.11
CA HIS A 55 -28.63 -8.54 -15.05
C HIS A 55 -29.17 -7.68 -13.90
N VAL A 56 -28.37 -6.75 -13.40
CA VAL A 56 -28.83 -5.90 -12.30
C VAL A 56 -29.94 -4.97 -12.79
N VAL A 57 -29.96 -4.64 -14.08
CA VAL A 57 -31.04 -3.83 -14.62
C VAL A 57 -32.36 -4.60 -14.53
N LEU A 58 -32.36 -5.87 -14.95
CA LEU A 58 -33.56 -6.68 -14.84
C LEU A 58 -33.94 -6.92 -13.38
N LEU A 59 -32.96 -7.04 -12.49
CA LEU A 59 -33.26 -7.15 -11.07
C LEU A 59 -33.98 -5.90 -10.58
N LEU A 60 -33.44 -4.72 -10.88
CA LEU A 60 -34.06 -3.47 -10.45
C LEU A 60 -35.44 -3.27 -11.06
N LYS A 61 -35.64 -3.75 -12.29
CA LYS A 61 -36.95 -3.61 -12.91
C LYS A 61 -37.97 -4.59 -12.33
N MET A 62 -37.52 -5.79 -11.93
CA MET A 62 -38.38 -6.66 -11.15
C MET A 62 -38.77 -6.00 -9.83
N GLN A 63 -37.78 -5.42 -9.16
CA GLN A 63 -38.04 -4.81 -7.85
C GLN A 63 -38.94 -3.59 -7.95
N ALA A 64 -38.83 -2.84 -9.04
CA ALA A 64 -39.66 -1.65 -9.23
C ALA A 64 -41.13 -2.02 -9.47
N ARG A 65 -41.40 -3.22 -9.97
CA ARG A 65 -42.77 -3.69 -10.16
C ARG A 65 -43.34 -4.37 -8.92
N GLY A 66 -42.68 -4.21 -7.77
CA GLY A 66 -43.20 -4.76 -6.53
C GLY A 66 -42.84 -6.21 -6.30
N ALA A 67 -41.56 -6.53 -6.41
CA ALA A 67 -41.06 -7.88 -6.18
C ALA A 67 -39.96 -7.80 -5.12
N ALA A 68 -40.19 -8.47 -3.99
CA ALA A 68 -39.21 -8.47 -2.90
C ALA A 68 -38.09 -9.43 -3.25
N LEU A 69 -36.96 -8.89 -3.70
CA LEU A 69 -35.82 -9.71 -4.05
C LEU A 69 -35.17 -10.26 -2.78
N ALA A 70 -34.87 -11.56 -2.79
CA ALA A 70 -34.20 -12.17 -1.66
C ALA A 70 -32.83 -11.54 -1.42
N ARG A 71 -32.14 -11.19 -2.50
CA ARG A 71 -30.86 -10.48 -2.44
C ARG A 71 -30.97 -9.29 -3.38
N PRO A 72 -31.37 -8.13 -2.88
CA PRO A 72 -31.51 -6.94 -3.73
C PRO A 72 -30.16 -6.50 -4.26
N PRO A 73 -30.14 -5.66 -5.30
CA PRO A 73 -28.86 -5.20 -5.86
C PRO A 73 -27.94 -4.61 -4.81
N CYS A 74 -26.64 -4.82 -5.00
CA CYS A 74 -25.62 -4.48 -4.04
C CYS A 74 -24.52 -3.68 -4.71
N CYS A 75 -24.00 -2.68 -4.00
CA CYS A 75 -22.91 -1.84 -4.50
C CYS A 75 -21.59 -2.50 -4.13
N VAL A 76 -20.92 -3.08 -5.11
CA VAL A 76 -19.72 -3.87 -4.86
C VAL A 76 -18.62 -3.41 -5.80
N PRO A 77 -17.36 -3.71 -5.45
CA PRO A 77 -16.26 -3.42 -6.37
C PRO A 77 -16.32 -4.30 -7.60
N THR A 78 -16.07 -3.68 -8.76
CA THR A 78 -15.96 -4.40 -10.01
C THR A 78 -14.55 -4.45 -10.55
N ALA A 79 -13.60 -3.79 -9.90
CA ALA A 79 -12.21 -3.80 -10.32
C ALA A 79 -11.33 -3.59 -9.10
N TYR A 80 -10.15 -4.20 -9.13
CA TYR A 80 -9.23 -4.16 -8.00
C TYR A 80 -7.82 -3.87 -8.50
N ALA A 81 -6.98 -3.42 -7.57
CA ALA A 81 -5.56 -3.22 -7.82
C ALA A 81 -4.76 -3.88 -6.72
N GLY A 82 -3.54 -4.28 -7.05
CA GLY A 82 -2.67 -4.93 -6.09
C GLY A 82 -1.82 -3.94 -5.32
N LYS A 83 -0.98 -4.49 -4.44
CA LYS A 83 -0.05 -3.70 -3.63
C LYS A 83 1.24 -4.49 -3.46
N LEU A 84 2.36 -3.78 -3.44
CA LEU A 84 3.65 -4.42 -3.18
C LEU A 84 3.78 -4.58 -1.67
N LEU A 85 3.56 -5.79 -1.18
CA LEU A 85 3.68 -6.07 0.24
C LEU A 85 5.07 -6.58 0.56
N ILE A 86 5.64 -6.07 1.65
CA ILE A 86 6.89 -6.56 2.20
C ILE A 86 6.52 -7.37 3.44
N SER A 87 6.69 -8.69 3.36
CA SER A 87 6.32 -9.59 4.43
C SER A 87 7.54 -10.38 4.90
N LEU A 88 7.33 -11.21 5.92
CA LEU A 88 8.40 -12.00 6.52
C LEU A 88 7.99 -13.47 6.50
N SER A 89 8.68 -14.26 5.69
CA SER A 89 8.46 -15.70 5.62
C SER A 89 9.68 -16.40 6.19
N GLU A 90 9.43 -17.30 7.16
CA GLU A 90 10.49 -17.91 7.97
C GLU A 90 11.20 -16.77 8.68
N GLU A 91 12.49 -16.51 8.40
CA GLU A 91 13.18 -15.34 8.90
C GLU A 91 13.75 -14.52 7.75
N ARG A 92 13.15 -14.65 6.57
CA ARG A 92 13.60 -13.94 5.38
C ARG A 92 12.53 -12.95 4.94
N ILE A 93 12.97 -11.77 4.52
CA ILE A 93 12.09 -10.70 4.08
C ILE A 93 11.80 -10.88 2.60
N SER A 94 10.53 -10.76 2.22
CA SER A 94 10.10 -10.97 0.84
C SER A 94 9.25 -9.79 0.40
N ALA A 95 9.64 -9.17 -0.72
CA ALA A 95 8.84 -8.12 -1.35
C ALA A 95 8.11 -8.75 -2.53
N HIS A 96 6.78 -8.80 -2.45
CA HIS A 96 6.00 -9.50 -3.46
C HIS A 96 4.71 -8.73 -3.73
N HIS A 97 4.23 -8.84 -4.96
CA HIS A 97 2.99 -8.18 -5.36
C HIS A 97 1.80 -9.05 -4.94
N VAL A 98 0.84 -8.45 -4.26
CA VAL A 98 -0.36 -9.13 -3.80
C VAL A 98 -1.55 -8.47 -4.49
N PRO A 99 -2.33 -9.21 -5.27
CA PRO A 99 -3.45 -8.59 -6.00
C PRO A 99 -4.68 -8.44 -5.12
N ASN A 100 -5.67 -7.72 -5.66
CA ASN A 100 -6.99 -7.57 -5.05
C ASN A 100 -6.90 -6.95 -3.65
N MET A 101 -5.97 -6.01 -3.48
CA MET A 101 -5.80 -5.32 -2.21
C MET A 101 -6.55 -4.00 -2.13
N VAL A 102 -6.84 -3.37 -3.26
CA VAL A 102 -7.47 -2.06 -3.29
C VAL A 102 -8.64 -2.11 -4.26
N ALA A 103 -9.81 -1.67 -3.79
CA ALA A 103 -10.95 -1.50 -4.68
C ALA A 103 -10.78 -0.21 -5.47
N THR A 104 -10.91 -0.31 -6.80
CA THR A 104 -10.66 0.82 -7.67
C THR A 104 -11.87 1.25 -8.50
N GLU A 105 -12.93 0.46 -8.55
CA GLU A 105 -14.09 0.79 -9.36
C GLU A 105 -15.31 0.12 -8.75
N CYS A 106 -16.45 0.80 -8.81
CA CYS A 106 -17.67 0.31 -8.18
C CYS A 106 -18.74 0.03 -9.22
N GLY A 107 -19.72 -0.78 -8.80
CA GLY A 107 -20.85 -1.09 -9.65
C GLY A 107 -21.96 -1.69 -8.81
N CYS A 108 -23.10 -1.90 -9.46
CA CYS A 108 -24.27 -2.50 -8.83
C CYS A 108 -24.52 -3.85 -9.45
N ARG A 109 -24.65 -4.88 -8.61
CA ARG A 109 -24.87 -6.23 -9.10
C ARG A 109 -25.92 -6.98 -8.28
N HIS B 3 19.71 19.33 -15.30
CA HIS B 3 18.90 20.31 -16.01
C HIS B 3 18.06 21.13 -15.03
N MET B 4 17.25 20.46 -14.23
CA MET B 4 16.40 21.07 -13.23
C MET B 4 16.31 20.15 -12.02
N PRO B 5 15.89 20.66 -10.87
CA PRO B 5 15.78 19.81 -9.69
C PRO B 5 14.74 18.72 -9.91
N PRO B 6 14.87 17.59 -9.21
CA PRO B 6 13.89 16.50 -9.37
C PRO B 6 12.51 16.92 -8.88
N ASN B 7 11.50 16.68 -9.71
CA ASN B 7 10.12 16.96 -9.32
C ASN B 7 9.53 15.86 -8.46
N ARG B 8 10.11 14.66 -8.51
CA ARG B 8 9.62 13.51 -7.78
C ARG B 8 10.53 13.21 -6.59
N ARG B 9 10.01 12.39 -5.69
CA ARG B 9 10.72 12.05 -4.46
C ARG B 9 11.91 11.15 -4.76
N THR B 10 13.02 11.40 -4.06
CA THR B 10 14.20 10.56 -4.13
C THR B 10 14.46 9.92 -2.77
N CYS B 11 14.86 8.66 -2.79
CA CYS B 11 15.05 7.87 -1.58
C CYS B 11 16.38 7.15 -1.63
N VAL B 12 16.87 6.77 -0.46
CA VAL B 12 17.97 5.81 -0.39
C VAL B 12 17.44 4.45 -0.81
N PHE B 13 18.22 3.72 -1.61
CA PHE B 13 17.84 2.41 -2.07
C PHE B 13 18.90 1.40 -1.63
N PHE B 14 18.45 0.35 -0.95
CA PHE B 14 19.32 -0.73 -0.52
C PHE B 14 18.46 -1.95 -0.23
N GLU B 15 18.97 -3.13 -0.60
CA GLU B 15 18.31 -4.39 -0.30
C GLU B 15 19.39 -5.42 0.02
N ALA B 16 19.39 -5.91 1.25
CA ALA B 16 20.41 -6.84 1.71
C ALA B 16 20.33 -8.15 0.92
N PRO B 17 21.43 -8.91 0.89
CA PRO B 17 21.40 -10.19 0.16
C PRO B 17 20.31 -11.13 0.62
N GLY B 18 19.97 -11.13 1.90
CA GLY B 18 18.93 -12.02 2.39
C GLY B 18 17.52 -11.66 1.95
N VAL B 19 17.35 -10.54 1.26
CA VAL B 19 16.03 -10.07 0.88
C VAL B 19 15.60 -10.76 -0.41
N ARG B 20 14.42 -11.37 -0.39
CA ARG B 20 13.83 -11.94 -1.58
C ARG B 20 12.87 -10.93 -2.21
N GLY B 21 12.89 -10.87 -3.54
CA GLY B 21 12.14 -9.85 -4.25
C GLY B 21 12.87 -8.53 -4.25
N SER B 22 12.17 -7.50 -4.72
CA SER B 22 12.77 -6.17 -4.81
C SER B 22 11.67 -5.12 -4.89
N THR B 23 12.03 -3.91 -4.49
CA THR B 23 11.18 -2.73 -4.66
C THR B 23 11.69 -1.79 -5.75
N LYS B 24 12.71 -2.22 -6.51
CA LYS B 24 13.25 -1.37 -7.57
C LYS B 24 12.22 -1.02 -8.63
N THR B 25 11.18 -1.84 -8.80
CA THR B 25 10.11 -1.54 -9.73
C THR B 25 9.25 -0.35 -9.28
N LEU B 26 9.44 0.13 -8.05
CA LEU B 26 8.69 1.27 -7.56
C LEU B 26 9.34 2.60 -7.89
N GLY B 27 10.52 2.58 -8.49
CA GLY B 27 11.17 3.80 -8.89
C GLY B 27 12.17 3.56 -9.99
N GLU B 28 13.03 4.56 -10.19
CA GLU B 28 14.12 4.48 -11.16
C GLU B 28 15.41 4.77 -10.43
N LEU B 29 16.37 3.86 -10.53
CA LEU B 29 17.67 4.07 -9.90
C LEU B 29 18.41 5.20 -10.58
N LEU B 30 18.94 6.12 -9.79
CA LEU B 30 19.72 7.22 -10.30
C LEU B 30 21.20 6.85 -10.35
N ASP B 31 21.95 7.56 -11.20
CA ASP B 31 23.39 7.41 -11.22
C ASP B 31 23.97 8.18 -10.04
N THR B 32 24.42 7.45 -9.02
CA THR B 32 24.93 8.05 -7.79
C THR B 32 26.43 8.30 -7.86
N GLY B 33 26.98 8.46 -9.06
CA GLY B 33 28.42 8.49 -9.23
C GLY B 33 29.06 7.14 -9.11
N THR B 34 28.30 6.05 -9.28
CA THR B 34 28.73 4.68 -9.02
C THR B 34 29.51 4.59 -7.70
N GLU B 35 28.94 5.22 -6.68
CA GLU B 35 29.50 5.22 -5.33
C GLU B 35 28.37 5.12 -4.33
N LEU B 36 28.59 4.36 -3.26
CA LEU B 36 27.50 3.93 -2.39
C LEU B 36 26.98 5.08 -1.54
N PRO B 37 25.69 5.03 -1.13
CA PRO B 37 24.70 4.04 -1.54
C PRO B 37 23.80 4.54 -2.68
N ARG B 38 22.98 3.65 -3.21
CA ARG B 38 22.16 3.99 -4.36
C ARG B 38 21.01 4.91 -3.98
N ALA B 39 20.55 5.70 -4.96
CA ALA B 39 19.38 6.53 -4.81
C ALA B 39 18.34 6.12 -5.86
N ILE B 40 17.07 6.26 -5.51
CA ILE B 40 15.98 5.84 -6.39
C ILE B 40 14.91 6.93 -6.39
N ARG B 41 14.44 7.29 -7.58
CA ARG B 41 13.42 8.32 -7.74
C ARG B 41 12.07 7.62 -7.89
N CYS B 42 11.14 7.94 -6.99
CA CYS B 42 9.91 7.16 -6.90
C CYS B 42 8.95 7.49 -8.04
N LEU B 43 8.27 6.45 -8.53
CA LEU B 43 7.29 6.58 -9.61
C LEU B 43 5.87 6.77 -9.11
N TYR B 44 5.52 6.22 -7.95
CA TYR B 44 4.13 6.16 -7.54
C TYR B 44 3.84 6.80 -6.18
N SER B 45 4.82 7.43 -5.54
CA SER B 45 4.57 8.04 -4.24
C SER B 45 5.65 9.08 -3.97
N ARG B 46 5.45 9.84 -2.90
CA ARG B 46 6.44 10.77 -2.38
C ARG B 46 6.97 10.30 -1.03
N CYS B 47 7.08 8.98 -0.85
CA CYS B 47 7.30 8.39 0.45
C CYS B 47 8.44 7.38 0.36
N CYS B 48 9.42 7.53 1.25
CA CYS B 48 10.51 6.58 1.42
C CYS B 48 10.25 5.69 2.62
N PHE B 49 10.83 4.49 2.59
CA PHE B 49 10.68 3.54 3.68
C PHE B 49 12.05 2.97 4.04
N GLY B 50 12.15 2.49 5.28
CA GLY B 50 13.36 1.87 5.77
C GLY B 50 13.03 0.72 6.69
N ILE B 51 13.81 -0.37 6.60
CA ILE B 51 13.62 -1.55 7.42
C ILE B 51 14.96 -1.90 8.08
N TRP B 52 14.93 -2.11 9.40
CA TRP B 52 16.13 -2.43 10.16
C TRP B 52 15.89 -3.69 10.98
N ASN B 53 16.94 -4.49 11.09
CA ASN B 53 16.98 -5.70 11.90
C ASN B 53 17.81 -5.39 13.13
N LEU B 54 17.18 -5.41 14.30
CA LEU B 54 17.82 -5.05 15.55
C LEU B 54 18.11 -6.33 16.32
N THR B 55 19.40 -6.58 16.56
CA THR B 55 19.86 -7.78 17.22
C THR B 55 20.26 -7.47 18.66
N GLN B 56 21.21 -8.24 19.19
CA GLN B 56 21.65 -8.05 20.56
C GLN B 56 22.19 -6.64 20.78
N ASP B 57 23.25 -6.27 20.07
CA ASP B 57 23.90 -4.98 20.24
C ASP B 57 24.02 -4.17 18.96
N ARG B 58 23.52 -4.66 17.84
CA ARG B 58 23.74 -4.01 16.56
C ARG B 58 22.43 -3.93 15.77
N ALA B 59 22.46 -3.13 14.70
CA ALA B 59 21.30 -2.88 13.88
C ALA B 59 21.72 -2.86 12.42
N GLN B 60 21.15 -3.76 11.62
CA GLN B 60 21.49 -3.92 10.22
C GLN B 60 20.36 -3.39 9.34
N VAL B 61 20.70 -2.54 8.38
CA VAL B 61 19.70 -2.13 7.40
C VAL B 61 19.40 -3.30 6.47
N GLU B 62 18.12 -3.61 6.30
CA GLU B 62 17.70 -4.70 5.44
C GLU B 62 17.16 -4.22 4.10
N MET B 63 16.25 -3.24 4.12
CA MET B 63 15.68 -2.70 2.90
C MET B 63 15.54 -1.18 3.02
N GLN B 64 15.77 -0.49 1.91
CA GLN B 64 15.54 0.94 1.79
C GLN B 64 15.07 1.22 0.37
N GLY B 65 14.07 2.08 0.23
CA GLY B 65 13.58 2.41 -1.10
C GLY B 65 12.31 3.24 -1.06
N CYS B 66 11.50 3.07 -2.10
CA CYS B 66 10.29 3.84 -2.29
C CYS B 66 9.08 3.07 -1.81
N ARG B 67 8.05 3.81 -1.40
CA ARG B 67 6.74 3.24 -1.15
C ARG B 67 5.95 3.26 -2.46
N ASP B 68 4.98 2.34 -2.56
CA ASP B 68 4.16 2.28 -3.75
C ASP B 68 2.98 3.23 -3.71
N SER B 69 2.72 3.87 -2.57
CA SER B 69 1.66 4.86 -2.46
C SER B 69 1.89 5.67 -1.18
N ASP B 70 1.19 6.80 -1.09
CA ASP B 70 1.26 7.65 0.09
C ASP B 70 0.20 7.18 1.08
N GLU B 71 0.63 6.53 2.15
CA GLU B 71 -0.25 5.98 3.15
C GLU B 71 0.01 6.66 4.50
N PRO B 72 -0.93 6.57 5.43
CA PRO B 72 -0.75 7.21 6.74
C PRO B 72 0.60 6.85 7.37
N GLY B 73 1.28 7.88 7.86
CA GLY B 73 2.64 7.76 8.37
C GLY B 73 3.67 8.37 7.45
N CYS B 74 3.33 8.57 6.17
CA CYS B 74 4.26 9.11 5.20
C CYS B 74 4.45 10.62 5.35
N GLU B 75 3.51 11.31 6.02
CA GLU B 75 3.64 12.75 6.21
C GLU B 75 4.79 13.13 7.13
N SER B 76 5.42 12.16 7.80
CA SER B 76 6.56 12.46 8.65
C SER B 76 7.71 13.01 7.81
N LEU B 77 8.35 14.06 8.33
CA LEU B 77 9.50 14.63 7.63
C LEU B 77 10.77 13.82 7.85
N HIS B 78 10.82 12.96 8.87
CA HIS B 78 12.01 12.19 9.18
C HIS B 78 11.60 10.78 9.58
N CYS B 79 12.59 9.89 9.65
CA CYS B 79 12.36 8.48 9.87
C CYS B 79 12.30 8.19 11.36
N ASP B 80 11.13 7.75 11.85
CA ASP B 80 10.93 7.34 13.24
C ASP B 80 10.48 5.89 13.24
N PRO B 81 11.40 4.95 13.37
CA PRO B 81 11.04 3.53 13.25
C PRO B 81 10.24 3.04 14.44
N SER B 82 9.36 2.07 14.18
CA SER B 82 8.57 1.39 15.18
C SER B 82 8.63 -0.11 14.93
N PRO B 83 8.53 -0.92 15.98
CA PRO B 83 8.69 -2.37 15.79
C PRO B 83 7.54 -2.96 15.00
N ARG B 84 7.87 -3.80 14.02
CA ARG B 84 6.87 -4.45 13.21
C ARG B 84 6.93 -5.97 13.22
N ALA B 85 8.10 -6.56 13.45
CA ALA B 85 8.20 -8.01 13.44
C ALA B 85 9.11 -8.50 14.54
N HIS B 86 8.86 -9.74 14.97
CA HIS B 86 9.72 -10.44 15.93
C HIS B 86 10.02 -11.81 15.35
N PRO B 87 10.97 -11.89 14.41
CA PRO B 87 11.24 -13.18 13.75
C PRO B 87 11.86 -14.22 14.67
N SER B 88 12.63 -13.78 15.67
CA SER B 88 13.27 -14.68 16.62
C SER B 88 13.42 -13.95 17.93
N PRO B 89 13.57 -14.67 19.05
CA PRO B 89 13.70 -13.99 20.35
C PRO B 89 14.87 -13.01 20.44
N GLY B 90 15.83 -13.08 19.52
CA GLY B 90 16.93 -12.13 19.49
C GLY B 90 16.94 -11.14 18.35
N SER B 91 15.87 -11.05 17.56
CA SER B 91 15.82 -10.13 16.43
C SER B 91 14.46 -9.44 16.39
N THR B 92 14.47 -8.14 16.15
CA THR B 92 13.24 -7.37 15.99
C THR B 92 13.34 -6.51 14.74
N LEU B 93 12.35 -6.59 13.88
CA LEU B 93 12.33 -5.81 12.64
C LEU B 93 11.54 -4.53 12.88
N PHE B 94 12.22 -3.39 12.69
CA PHE B 94 11.64 -2.06 12.79
C PHE B 94 11.49 -1.46 11.40
N THR B 95 10.36 -0.78 11.16
CA THR B 95 10.11 -0.13 9.88
C THR B 95 9.71 1.32 10.10
N CYS B 96 10.18 2.20 9.22
CA CYS B 96 9.77 3.59 9.23
C CYS B 96 9.42 4.03 7.81
N SER B 97 8.52 5.01 7.73
CA SER B 97 8.16 5.65 6.47
C SER B 97 8.13 7.16 6.68
N CYS B 98 8.58 7.89 5.67
CA CYS B 98 8.67 9.34 5.79
C CYS B 98 8.56 9.94 4.39
N GLY B 99 8.40 11.27 4.34
CA GLY B 99 8.04 11.90 3.08
C GLY B 99 8.95 13.01 2.59
N THR B 100 10.24 12.91 2.85
CA THR B 100 11.20 13.86 2.32
C THR B 100 12.37 13.11 1.69
N ASP B 101 13.10 13.82 0.83
CA ASP B 101 14.19 13.21 0.09
C ASP B 101 15.23 12.62 1.04
N PHE B 102 15.59 11.36 0.80
CA PHE B 102 16.64 10.65 1.53
C PHE B 102 16.31 10.52 3.01
N CYS B 103 15.05 10.69 3.40
CA CYS B 103 14.69 10.60 4.81
C CYS B 103 14.83 9.18 5.36
N ASN B 104 14.82 8.17 4.49
CA ASN B 104 14.96 6.78 4.91
C ASN B 104 16.42 6.36 5.09
N ALA B 105 17.36 7.31 5.03
CA ALA B 105 18.76 6.96 5.17
C ALA B 105 19.04 6.35 6.54
N ASN B 106 18.62 7.02 7.60
CA ASN B 106 18.83 6.54 8.95
C ASN B 106 17.83 7.21 9.88
N TYR B 107 17.88 6.81 11.15
CA TYR B 107 17.02 7.34 12.19
C TYR B 107 17.89 7.92 13.31
N SER B 108 17.24 8.69 14.19
CA SER B 108 17.97 9.29 15.31
C SER B 108 18.51 8.22 16.25
N HIS B 109 17.61 7.47 16.89
CA HIS B 109 17.98 6.42 17.82
C HIS B 109 16.78 5.55 18.11
N LEU B 110 17.03 4.29 18.44
CA LEU B 110 16.01 3.35 18.86
C LEU B 110 16.35 2.84 20.25
N PRO B 111 15.82 3.45 21.32
CA PRO B 111 16.14 3.09 22.70
C PRO B 111 15.66 1.69 23.07
#